data_6T6O
#
_entry.id   6T6O
#
_cell.length_a   82.996
_cell.length_b   82.996
_cell.length_c   88.123
_cell.angle_alpha   90.000
_cell.angle_beta   90.000
_cell.angle_gamma   120.000
#
_symmetry.space_group_name_H-M   'P 32 2 1'
#
loop_
_entity.id
_entity.type
_entity.pdbx_description
1 polymer 'Orange carotenoid-binding protein'
2 non-polymer ASPARAGINE
3 non-polymer beta,beta-caroten-4-one
4 non-polymer 'CHLORIDE ION'
5 non-polymer GLYCEROL
6 non-polymer HISTIDINE
7 water water
#
_entity_poly.entity_id   1
_entity_poly.type   'polypeptide(L)'
_entity_poly.pdbx_seq_one_letter_code
;MRGSHHHHHHTDPATMPFTIDSARGIFPNTLAADVVPATIARFSQLNAEDQLALIWFAYLEMGKTLTIAAPGAASMQLAE
NALKEIQAMGPLQQTQAMCDLANRADTPLCRTYASWSPNIKLGFWYRLGELMEQGFVAPIPAGYQLSANANAVLATIQGL
ESGQQITVLRNAVVDMGFTAGKDGKRIAEPVVPPQDTASRTKVSIEGVTNATVLNWMDNLNANDFDTLIELFTSDGALQP
PFQRPIVGKENVLRFFREECQNLKLIPERGVTEPAEDGFTQIKVTGKVQTPWFGGNVGMNIAWRFLLNPEGKIFFVAIDL
LASPKELLNFAR
;
_entity_poly.pdbx_strand_id   A
#
loop_
_chem_comp.id
_chem_comp.type
_chem_comp.name
_chem_comp.formula
CL non-polymer 'CHLORIDE ION' 'Cl -1'
ECH non-polymer beta,beta-caroten-4-one 'C40 H54 O'
GOL non-polymer GLYCEROL 'C3 H8 O3'
#
# COMPACT_ATOMS: atom_id res chain seq x y z
N PHE A 18 -1.46 9.66 27.23
CA PHE A 18 -1.69 9.38 25.78
C PHE A 18 -2.68 8.21 25.63
N THR A 19 -3.67 8.36 24.76
CA THR A 19 -4.47 7.25 24.17
C THR A 19 -3.93 6.98 22.75
N ILE A 20 -4.40 5.95 22.08
CA ILE A 20 -3.98 5.67 20.68
C ILE A 20 -4.35 6.89 19.84
N ASP A 21 -5.57 7.40 19.96
CA ASP A 21 -6.05 8.49 19.05
C ASP A 21 -5.28 9.79 19.34
N SER A 22 -4.87 10.04 20.60
CA SER A 22 -4.08 11.27 20.92
C SER A 22 -2.62 11.11 20.48
N ALA A 23 -2.08 9.88 20.49
CA ALA A 23 -0.69 9.57 20.08
C ALA A 23 -0.50 9.90 18.59
N ARG A 24 -1.60 9.93 17.84
CA ARG A 24 -1.58 10.29 16.39
C ARG A 24 -0.93 11.67 16.21
N GLY A 25 -0.86 12.48 17.26
CA GLY A 25 -0.40 13.89 17.19
C GLY A 25 1.09 14.06 17.41
N ILE A 26 1.83 13.00 17.71
CA ILE A 26 3.29 13.16 18.00
C ILE A 26 4.03 13.63 16.74
N PHE A 27 5.12 14.37 16.94
CA PHE A 27 5.94 14.98 15.86
C PHE A 27 5.04 15.70 14.86
N PRO A 28 4.29 16.75 15.29
CA PRO A 28 3.33 17.44 14.41
C PRO A 28 3.92 18.29 13.29
N ASN A 29 5.25 18.42 13.28
CA ASN A 29 6.04 19.06 12.21
C ASN A 29 6.11 18.15 10.97
N THR A 30 5.85 16.86 11.10
CA THR A 30 6.04 15.87 10.01
C THR A 30 5.03 16.19 8.91
N LEU A 31 5.47 16.61 7.72
CA LEU A 31 4.52 16.98 6.64
C LEU A 31 4.31 15.76 5.74
N ALA A 32 3.16 15.13 5.93
CA ALA A 32 2.77 13.95 5.16
C ALA A 32 2.31 14.38 3.77
N ALA A 33 2.40 13.45 2.81
CA ALA A 33 1.97 13.66 1.42
C ALA A 33 0.45 13.53 1.33
N ASP A 34 -0.29 14.44 1.97
CA ASP A 34 -1.77 14.34 1.99
C ASP A 34 -2.36 14.62 0.60
N VAL A 35 -1.55 15.01 -0.39
CA VAL A 35 -2.03 15.05 -1.79
C VAL A 35 -2.50 13.65 -2.22
N VAL A 36 -1.98 12.60 -1.59
CA VAL A 36 -2.38 11.21 -1.96
C VAL A 36 -3.85 10.99 -1.64
N PRO A 37 -4.31 11.11 -0.36
CA PRO A 37 -5.75 10.96 -0.10
C PRO A 37 -6.59 12.05 -0.78
N ALA A 38 -6.04 13.25 -0.95
CA ALA A 38 -6.77 14.30 -1.69
C ALA A 38 -7.08 13.80 -3.10
N THR A 39 -6.07 13.23 -3.77
CA THR A 39 -6.19 12.80 -5.18
C THR A 39 -7.16 11.62 -5.26
N ILE A 40 -7.08 10.69 -4.30
N ILE A 40 -7.08 10.71 -4.27
CA ILE A 40 -8.02 9.53 -4.26
CA ILE A 40 -7.99 9.52 -4.21
C ILE A 40 -9.45 10.06 -4.11
C ILE A 40 -9.43 10.00 -4.04
N ALA A 41 -9.67 11.07 -3.25
CA ALA A 41 -11.02 11.61 -3.06
C ALA A 41 -11.54 12.19 -4.38
N ARG A 42 -10.69 12.90 -5.13
CA ARG A 42 -11.11 13.48 -6.42
C ARG A 42 -11.39 12.35 -7.42
N PHE A 43 -10.50 11.36 -7.45
CA PHE A 43 -10.64 10.18 -8.33
C PHE A 43 -11.97 9.47 -8.07
N SER A 44 -12.34 9.35 -6.79
CA SER A 44 -13.52 8.56 -6.34
C SER A 44 -14.81 9.22 -6.85
N GLN A 45 -14.79 10.51 -7.16
CA GLN A 45 -15.98 11.25 -7.64
C GLN A 45 -16.25 10.91 -9.10
N LEU A 46 -15.26 10.40 -9.82
CA LEU A 46 -15.35 10.32 -11.30
C LEU A 46 -16.34 9.24 -11.71
N ASN A 47 -16.85 9.42 -12.93
CA ASN A 47 -17.58 8.37 -13.69
C ASN A 47 -16.71 7.11 -13.75
N ALA A 48 -17.29 5.91 -13.58
CA ALA A 48 -16.54 4.64 -13.54
C ALA A 48 -15.70 4.45 -14.81
N GLU A 49 -16.29 4.67 -16.00
CA GLU A 49 -15.49 4.49 -17.23
C GLU A 49 -14.31 5.46 -17.21
N ASP A 50 -14.49 6.66 -16.66
CA ASP A 50 -13.37 7.63 -16.60
CA ASP A 50 -13.42 7.68 -16.52
C ASP A 50 -12.34 7.15 -15.57
N GLN A 51 -12.76 6.54 -14.47
CA GLN A 51 -11.81 5.97 -13.49
CA GLN A 51 -11.80 5.98 -13.48
C GLN A 51 -10.93 4.93 -14.19
N LEU A 52 -11.55 4.01 -14.94
CA LEU A 52 -10.78 2.93 -15.60
C LEU A 52 -9.86 3.53 -16.67
N ALA A 53 -10.37 4.45 -17.48
CA ALA A 53 -9.56 5.06 -18.56
C ALA A 53 -8.40 5.85 -17.94
N LEU A 54 -8.63 6.61 -16.87
CA LEU A 54 -7.57 7.41 -16.24
C LEU A 54 -6.45 6.48 -15.75
N ILE A 55 -6.80 5.39 -15.08
CA ILE A 55 -5.76 4.47 -14.56
CA ILE A 55 -5.76 4.46 -14.56
C ILE A 55 -5.03 3.82 -15.74
N TRP A 56 -5.77 3.43 -16.79
CA TRP A 56 -5.13 2.86 -18.00
C TRP A 56 -4.07 3.84 -18.51
N PHE A 57 -4.42 5.13 -18.68
CA PHE A 57 -3.46 6.13 -19.19
C PHE A 57 -2.27 6.26 -18.21
N ALA A 58 -2.54 6.33 -16.90
CA ALA A 58 -1.48 6.53 -15.88
C ALA A 58 -0.52 5.34 -15.94
N TYR A 59 -1.07 4.15 -16.08
N TYR A 59 -1.10 4.12 -15.97
CA TYR A 59 -0.32 2.89 -16.00
CA TYR A 59 -0.45 2.77 -16.07
C TYR A 59 0.51 2.70 -17.28
C TYR A 59 0.50 2.77 -17.26
N LEU A 60 -0.04 3.07 -18.44
CA LEU A 60 0.71 3.03 -19.72
CA LEU A 60 0.72 3.01 -19.72
C LEU A 60 1.90 4.00 -19.65
N GLU A 61 1.68 5.22 -19.18
CA GLU A 61 2.78 6.21 -19.17
C GLU A 61 3.82 5.81 -18.11
N MET A 62 3.38 5.39 -16.93
CA MET A 62 4.33 4.99 -15.86
CA MET A 62 4.31 4.98 -15.85
C MET A 62 5.17 3.80 -16.35
N GLY A 63 4.58 2.89 -17.12
CA GLY A 63 5.25 1.67 -17.58
C GLY A 63 6.41 1.95 -18.53
N LYS A 64 6.53 3.17 -19.06
CA LYS A 64 7.64 3.56 -19.98
C LYS A 64 8.96 3.65 -19.19
N THR A 65 8.90 3.88 -17.87
CA THR A 65 10.11 4.06 -17.01
C THR A 65 10.11 3.13 -15.79
N LEU A 66 8.93 2.67 -15.33
CA LEU A 66 8.84 1.77 -14.16
C LEU A 66 8.33 0.41 -14.62
N THR A 67 9.06 -0.67 -14.30
CA THR A 67 8.63 -2.06 -14.57
C THR A 67 7.95 -2.60 -13.32
N ILE A 68 6.69 -3.01 -13.43
CA ILE A 68 5.94 -3.68 -12.32
CA ILE A 68 5.96 -3.66 -12.31
C ILE A 68 6.39 -5.14 -12.27
N ALA A 69 6.73 -5.63 -11.08
CA ALA A 69 7.08 -7.04 -10.82
C ALA A 69 5.85 -7.90 -11.11
N ALA A 70 6.05 -9.12 -11.58
CA ALA A 70 4.94 -10.05 -11.85
C ALA A 70 4.27 -10.42 -10.54
N PRO A 71 2.93 -10.58 -10.54
CA PRO A 71 2.22 -11.19 -9.41
C PRO A 71 2.78 -12.58 -9.11
N GLY A 72 2.80 -12.95 -7.84
CA GLY A 72 3.21 -14.29 -7.38
C GLY A 72 2.28 -15.37 -7.89
N ALA A 73 2.79 -16.59 -8.03
CA ALA A 73 2.04 -17.75 -8.55
C ALA A 73 0.81 -18.00 -7.67
N ALA A 74 0.96 -17.90 -6.33
CA ALA A 74 -0.12 -18.21 -5.37
C ALA A 74 -1.24 -17.18 -5.54
N SER A 75 -0.87 -15.90 -5.67
CA SER A 75 -1.83 -14.80 -5.89
C SER A 75 -2.62 -15.05 -7.18
N MET A 76 -1.94 -15.41 -8.27
CA MET A 76 -2.60 -15.61 -9.57
C MET A 76 -3.57 -16.80 -9.48
N GLN A 77 -3.21 -17.83 -8.73
CA GLN A 77 -4.11 -19.01 -8.56
C GLN A 77 -5.38 -18.55 -7.84
N LEU A 78 -5.25 -17.70 -6.81
CA LEU A 78 -6.42 -17.28 -6.01
C LEU A 78 -7.35 -16.41 -6.84
N ALA A 79 -6.83 -15.68 -7.85
CA ALA A 79 -7.63 -14.78 -8.70
C ALA A 79 -8.09 -15.48 -10.00
N GLU A 80 -7.62 -16.71 -10.24
CA GLU A 80 -7.75 -17.39 -11.56
C GLU A 80 -9.24 -17.55 -11.94
N ASN A 81 -10.08 -17.99 -10.99
N ASN A 81 -10.07 -18.01 -11.00
CA ASN A 81 -11.51 -18.33 -11.32
CA ASN A 81 -11.50 -18.31 -11.29
C ASN A 81 -12.24 -17.04 -11.70
C ASN A 81 -12.17 -17.01 -11.75
N ALA A 82 -11.99 -15.92 -11.00
CA ALA A 82 -12.60 -14.61 -11.32
C ALA A 82 -12.13 -14.14 -12.71
N LEU A 83 -10.83 -14.25 -12.99
CA LEU A 83 -10.25 -13.83 -14.29
C LEU A 83 -10.83 -14.70 -15.42
N LYS A 84 -11.01 -15.99 -15.17
CA LYS A 84 -11.59 -16.91 -16.20
C LYS A 84 -13.03 -16.49 -16.49
N GLU A 85 -13.82 -16.19 -15.45
CA GLU A 85 -15.23 -15.75 -15.61
C GLU A 85 -15.26 -14.50 -16.51
N ILE A 86 -14.43 -13.50 -16.24
CA ILE A 86 -14.43 -12.25 -17.06
C ILE A 86 -14.00 -12.59 -18.49
N GLN A 87 -12.96 -13.40 -18.67
CA GLN A 87 -12.44 -13.74 -20.03
C GLN A 87 -13.52 -14.45 -20.87
N ALA A 88 -14.43 -15.20 -20.26
CA ALA A 88 -15.52 -15.93 -20.93
C ALA A 88 -16.67 -14.98 -21.34
N MET A 89 -16.74 -13.78 -20.76
CA MET A 89 -17.83 -12.83 -21.09
C MET A 89 -17.60 -12.21 -22.48
N GLY A 90 -18.68 -11.78 -23.12
CA GLY A 90 -18.65 -10.88 -24.30
C GLY A 90 -18.03 -9.54 -23.93
N PRO A 91 -17.53 -8.76 -24.91
CA PRO A 91 -16.84 -7.50 -24.59
C PRO A 91 -17.67 -6.51 -23.75
N LEU A 92 -18.96 -6.34 -24.06
CA LEU A 92 -19.84 -5.39 -23.31
C LEU A 92 -19.88 -5.80 -21.83
N GLN A 93 -20.02 -7.10 -21.58
CA GLN A 93 -20.13 -7.65 -20.20
C GLN A 93 -18.77 -7.50 -19.50
N GLN A 94 -17.65 -7.65 -20.21
CA GLN A 94 -16.30 -7.46 -19.63
C GLN A 94 -16.20 -6.01 -19.11
N THR A 95 -16.54 -5.05 -19.96
CA THR A 95 -16.50 -3.61 -19.59
C THR A 95 -17.42 -3.36 -18.40
N GLN A 96 -18.62 -3.95 -18.39
CA GLN A 96 -19.59 -3.77 -17.29
C GLN A 96 -19.03 -4.34 -15.99
N ALA A 97 -18.39 -5.51 -16.03
CA ALA A 97 -17.78 -6.13 -14.83
C ALA A 97 -16.74 -5.18 -14.26
N MET A 98 -15.91 -4.59 -15.11
CA MET A 98 -14.85 -3.65 -14.63
C MET A 98 -15.50 -2.39 -14.05
N CYS A 99 -16.55 -1.89 -14.69
CA CYS A 99 -17.30 -0.71 -14.17
C CYS A 99 -17.96 -1.06 -12.82
N ASP A 100 -18.49 -2.27 -12.65
CA ASP A 100 -19.10 -2.72 -11.37
C ASP A 100 -18.04 -2.59 -10.27
N LEU A 101 -16.83 -3.06 -10.52
CA LEU A 101 -15.75 -2.99 -9.50
C LEU A 101 -15.50 -1.52 -9.15
N ALA A 102 -15.39 -0.65 -10.16
CA ALA A 102 -15.04 0.77 -9.91
C ALA A 102 -16.18 1.45 -9.14
N ASN A 103 -17.42 1.08 -9.46
CA ASN A 103 -18.64 1.67 -8.85
C ASN A 103 -18.92 1.07 -7.47
N ARG A 104 -18.17 0.05 -7.05
CA ARG A 104 -18.41 -0.66 -5.76
C ARG A 104 -19.84 -1.22 -5.74
N ALA A 105 -20.31 -1.73 -6.87
CA ALA A 105 -21.63 -2.35 -7.05
C ALA A 105 -21.71 -3.66 -6.24
N ASP A 106 -22.90 -4.04 -5.77
CA ASP A 106 -23.11 -5.34 -5.10
C ASP A 106 -23.35 -6.41 -6.17
N THR A 107 -22.29 -7.13 -6.54
CA THR A 107 -22.33 -8.32 -7.44
C THR A 107 -21.47 -9.41 -6.84
N PRO A 108 -21.67 -10.67 -7.23
CA PRO A 108 -20.81 -11.77 -6.79
C PRO A 108 -19.32 -11.47 -7.04
N LEU A 109 -18.96 -10.98 -8.23
CA LEU A 109 -17.54 -10.64 -8.56
C LEU A 109 -17.04 -9.57 -7.59
N CYS A 110 -17.85 -8.54 -7.35
CA CYS A 110 -17.43 -7.42 -6.46
C CYS A 110 -17.24 -7.92 -5.04
N ARG A 111 -18.09 -8.85 -4.58
CA ARG A 111 -17.93 -9.45 -3.23
C ARG A 111 -16.68 -10.33 -3.19
N THR A 112 -16.41 -11.12 -4.23
CA THR A 112 -15.19 -11.96 -4.27
C THR A 112 -13.97 -11.02 -4.18
N TYR A 113 -13.97 -9.99 -5.02
CA TYR A 113 -12.85 -9.02 -5.08
C TYR A 113 -12.61 -8.41 -3.70
N ALA A 114 -13.68 -7.99 -3.01
CA ALA A 114 -13.58 -7.32 -1.70
C ALA A 114 -12.98 -8.26 -0.64
N SER A 115 -13.09 -9.57 -0.83
CA SER A 115 -12.56 -10.59 0.12
C SER A 115 -11.04 -10.70 0.00
N TRP A 116 -10.47 -10.12 -1.06
CA TRP A 116 -9.04 -10.33 -1.40
C TRP A 116 -8.16 -9.31 -0.67
N SER A 117 -6.95 -9.73 -0.33
CA SER A 117 -5.86 -8.84 0.13
C SER A 117 -5.46 -7.90 -1.01
N PRO A 118 -4.82 -6.76 -0.69
CA PRO A 118 -4.39 -5.80 -1.71
C PRO A 118 -3.56 -6.49 -2.81
N ASN A 119 -2.64 -7.39 -2.44
CA ASN A 119 -1.74 -7.99 -3.46
C ASN A 119 -2.55 -8.81 -4.45
N ILE A 120 -3.61 -9.49 -4.03
CA ILE A 120 -4.43 -10.32 -4.96
C ILE A 120 -5.23 -9.40 -5.87
N LYS A 121 -5.79 -8.32 -5.34
CA LYS A 121 -6.48 -7.29 -6.15
C LYS A 121 -5.51 -6.73 -7.20
N LEU A 122 -4.30 -6.37 -6.79
CA LEU A 122 -3.31 -5.76 -7.72
C LEU A 122 -2.97 -6.79 -8.81
N GLY A 123 -2.79 -8.06 -8.44
CA GLY A 123 -2.41 -9.08 -9.43
C GLY A 123 -3.53 -9.32 -10.43
N PHE A 124 -4.78 -9.25 -9.96
CA PHE A 124 -5.98 -9.36 -10.81
C PHE A 124 -5.94 -8.28 -11.89
N TRP A 125 -5.76 -7.02 -11.49
CA TRP A 125 -5.74 -5.91 -12.47
C TRP A 125 -4.48 -5.97 -13.35
N TYR A 126 -3.35 -6.42 -12.80
CA TYR A 126 -2.12 -6.62 -13.60
C TYR A 126 -2.44 -7.54 -14.79
N ARG A 127 -3.12 -8.65 -14.50
CA ARG A 127 -3.44 -9.64 -15.55
C ARG A 127 -4.48 -9.04 -16.51
N LEU A 128 -5.51 -8.33 -16.02
CA LEU A 128 -6.49 -7.72 -16.94
C LEU A 128 -5.76 -6.70 -17.84
N GLY A 129 -4.81 -5.95 -17.31
CA GLY A 129 -4.05 -4.97 -18.12
C GLY A 129 -3.30 -5.66 -19.26
N GLU A 130 -2.66 -6.79 -18.96
CA GLU A 130 -1.95 -7.57 -20.00
C GLU A 130 -2.95 -8.03 -21.07
N LEU A 131 -4.10 -8.54 -20.64
CA LEU A 131 -5.12 -9.10 -21.57
C LEU A 131 -5.73 -7.97 -22.39
N MET A 132 -5.89 -6.76 -21.80
CA MET A 132 -6.42 -5.59 -22.54
C MET A 132 -5.40 -5.15 -23.59
N GLU A 133 -4.13 -5.11 -23.24
CA GLU A 133 -3.00 -4.78 -24.16
C GLU A 133 -3.02 -5.77 -25.33
N GLN A 134 -3.22 -7.06 -25.05
CA GLN A 134 -3.15 -8.14 -26.07
C GLN A 134 -4.45 -8.20 -26.88
N GLY A 135 -5.53 -7.63 -26.32
CA GLY A 135 -6.83 -7.49 -27.00
C GLY A 135 -7.78 -8.65 -26.73
N PHE A 136 -7.53 -9.44 -25.69
CA PHE A 136 -8.32 -10.64 -25.29
C PHE A 136 -9.39 -10.27 -24.25
N VAL A 137 -9.26 -9.07 -23.68
CA VAL A 137 -10.32 -8.48 -22.80
C VAL A 137 -10.60 -7.09 -23.35
N ALA A 138 -11.86 -6.64 -23.30
CA ALA A 138 -12.31 -5.36 -23.91
C ALA A 138 -11.42 -4.24 -23.40
N PRO A 139 -10.76 -3.50 -24.31
CA PRO A 139 -9.87 -2.40 -23.90
C PRO A 139 -10.65 -1.12 -23.59
N ILE A 140 -9.97 -0.14 -22.98
CA ILE A 140 -10.46 1.26 -22.98
C ILE A 140 -10.71 1.64 -24.44
N PRO A 141 -11.90 2.17 -24.80
CA PRO A 141 -12.18 2.54 -26.19
C PRO A 141 -11.10 3.44 -26.82
N ALA A 142 -10.69 3.09 -28.05
CA ALA A 142 -9.76 3.86 -28.90
C ALA A 142 -10.23 5.33 -28.95
N GLY A 143 -9.32 6.28 -28.75
CA GLY A 143 -9.58 7.73 -28.85
C GLY A 143 -10.40 8.27 -27.68
N TYR A 144 -10.55 7.51 -26.61
CA TYR A 144 -11.35 7.88 -25.40
C TYR A 144 -10.84 9.21 -24.84
N GLN A 145 -11.77 10.13 -24.58
CA GLN A 145 -11.47 11.44 -23.97
C GLN A 145 -12.02 11.49 -22.52
N LEU A 146 -11.13 11.75 -21.58
CA LEU A 146 -11.51 11.92 -20.16
C LEU A 146 -12.44 13.13 -19.99
N SER A 147 -13.30 13.09 -18.96
CA SER A 147 -14.10 14.23 -18.45
C SER A 147 -13.16 15.36 -18.01
N ALA A 148 -13.71 16.54 -17.83
CA ALA A 148 -12.95 17.72 -17.37
C ALA A 148 -12.30 17.39 -16.02
N ASN A 149 -13.07 16.82 -15.08
CA ASN A 149 -12.52 16.52 -13.74
C ASN A 149 -11.46 15.42 -13.86
N ALA A 150 -11.69 14.42 -14.70
CA ALA A 150 -10.77 13.28 -14.81
C ALA A 150 -9.43 13.73 -15.42
N ASN A 151 -9.43 14.58 -16.44
CA ASN A 151 -8.17 15.08 -17.04
CA ASN A 151 -8.17 15.07 -17.04
C ASN A 151 -7.35 15.77 -15.96
N ALA A 152 -7.98 16.56 -15.09
CA ALA A 152 -7.23 17.30 -14.04
C ALA A 152 -6.70 16.32 -12.99
N VAL A 153 -7.46 15.28 -12.64
CA VAL A 153 -6.97 14.27 -11.68
C VAL A 153 -5.74 13.59 -12.29
N LEU A 154 -5.80 13.21 -13.56
CA LEU A 154 -4.63 12.54 -14.18
C LEU A 154 -3.44 13.49 -14.19
N ALA A 155 -3.66 14.78 -14.51
CA ALA A 155 -2.54 15.75 -14.49
C ALA A 155 -1.92 15.78 -13.10
N THR A 156 -2.74 15.78 -12.04
CA THR A 156 -2.16 15.82 -10.68
C THR A 156 -1.29 14.58 -10.49
N ILE A 157 -1.82 13.40 -10.82
CA ILE A 157 -1.06 12.15 -10.60
C ILE A 157 0.28 12.22 -11.34
N GLN A 158 0.26 12.70 -12.58
CA GLN A 158 1.49 12.70 -13.44
C GLN A 158 2.53 13.69 -12.91
N GLY A 159 2.13 14.64 -12.06
CA GLY A 159 3.06 15.59 -11.43
C GLY A 159 3.65 15.10 -10.14
N LEU A 160 3.14 13.98 -9.60
CA LEU A 160 3.61 13.48 -8.29
C LEU A 160 4.91 12.67 -8.45
N GLU A 161 5.69 12.60 -7.38
CA GLU A 161 6.84 11.68 -7.27
C GLU A 161 6.32 10.24 -7.48
N SER A 162 7.16 9.36 -8.00
CA SER A 162 6.77 7.96 -8.30
C SER A 162 6.21 7.28 -7.04
N GLY A 163 6.80 7.51 -5.87
CA GLY A 163 6.31 6.84 -4.65
C GLY A 163 4.87 7.22 -4.34
N GLN A 164 4.49 8.46 -4.63
CA GLN A 164 3.12 8.94 -4.42
C GLN A 164 2.22 8.40 -5.52
N GLN A 165 2.68 8.35 -6.77
CA GLN A 165 1.86 7.80 -7.88
CA GLN A 165 1.88 7.79 -7.90
C GLN A 165 1.46 6.35 -7.56
N ILE A 166 2.43 5.51 -7.17
CA ILE A 166 2.11 4.07 -6.97
C ILE A 166 1.17 3.93 -5.76
N THR A 167 1.25 4.86 -4.79
CA THR A 167 0.34 4.81 -3.62
C THR A 167 -1.08 5.18 -4.05
N VAL A 168 -1.24 6.17 -4.91
CA VAL A 168 -2.57 6.52 -5.47
C VAL A 168 -3.13 5.28 -6.19
N LEU A 169 -2.35 4.64 -7.07
CA LEU A 169 -2.87 3.49 -7.86
C LEU A 169 -3.29 2.37 -6.91
N ARG A 170 -2.46 2.06 -5.93
CA ARG A 170 -2.74 0.94 -5.00
C ARG A 170 -4.03 1.26 -4.24
N ASN A 171 -4.15 2.47 -3.72
CA ASN A 171 -5.33 2.83 -2.89
C ASN A 171 -6.58 2.76 -3.77
N ALA A 172 -6.51 3.21 -5.03
CA ALA A 172 -7.63 3.13 -5.98
C ALA A 172 -8.05 1.66 -6.15
N VAL A 173 -7.07 0.80 -6.40
CA VAL A 173 -7.34 -0.66 -6.58
C VAL A 173 -7.99 -1.22 -5.31
N VAL A 174 -7.45 -0.93 -4.14
CA VAL A 174 -7.93 -1.53 -2.88
C VAL A 174 -9.38 -1.10 -2.64
N ASP A 175 -9.76 0.12 -3.05
CA ASP A 175 -11.09 0.72 -2.74
C ASP A 175 -12.21 0.13 -3.61
N MET A 176 -11.87 -0.62 -4.66
CA MET A 176 -12.89 -1.16 -5.59
C MET A 176 -13.58 -2.40 -4.99
N GLY A 177 -14.69 -2.83 -5.61
CA GLY A 177 -15.48 -3.98 -5.13
C GLY A 177 -16.48 -3.60 -4.04
N PHE A 178 -17.11 -4.60 -3.43
CA PHE A 178 -18.23 -4.42 -2.47
C PHE A 178 -17.99 -5.22 -1.18
N THR A 179 -17.87 -4.52 -0.06
CA THR A 179 -17.69 -5.10 1.31
C THR A 179 -19.06 -5.22 1.99
N GLY A 184 -16.48 -10.87 7.69
CA GLY A 184 -16.37 -11.23 6.27
C GLY A 184 -15.14 -12.09 5.99
N LYS A 185 -15.27 -13.07 5.10
CA LYS A 185 -14.20 -14.03 4.74
C LYS A 185 -13.02 -13.23 4.17
N ARG A 186 -11.79 -13.61 4.50
CA ARG A 186 -10.56 -12.89 4.05
C ARG A 186 -9.65 -13.87 3.31
N ILE A 187 -9.29 -13.53 2.07
CA ILE A 187 -8.37 -14.35 1.23
CA ILE A 187 -8.38 -14.34 1.21
C ILE A 187 -7.06 -13.58 1.03
N ALA A 188 -5.95 -14.21 1.36
CA ALA A 188 -4.60 -13.60 1.29
C ALA A 188 -3.61 -14.65 0.77
N GLU A 189 -2.44 -14.19 0.32
CA GLU A 189 -1.34 -15.07 -0.12
C GLU A 189 -0.83 -15.88 1.07
N PRO A 190 -0.27 -17.08 0.83
CA PRO A 190 0.39 -17.83 1.89
C PRO A 190 1.49 -16.97 2.53
N VAL A 191 1.72 -17.18 3.82
CA VAL A 191 2.80 -16.49 4.59
C VAL A 191 4.10 -17.27 4.38
N VAL A 192 5.08 -16.63 3.73
CA VAL A 192 6.42 -17.25 3.46
C VAL A 192 7.19 -17.27 4.77
N PRO A 193 7.97 -18.35 5.03
CA PRO A 193 8.73 -18.49 6.27
C PRO A 193 9.68 -17.32 6.46
N PRO A 194 9.95 -16.90 7.71
CA PRO A 194 10.94 -15.86 7.99
C PRO A 194 12.32 -16.22 7.42
N GLN A 195 13.09 -15.20 7.08
CA GLN A 195 14.49 -15.33 6.59
C GLN A 195 15.30 -16.10 7.63
N ASP A 196 16.16 -17.02 7.20
CA ASP A 196 17.11 -17.74 8.10
C ASP A 196 17.95 -16.69 8.83
N THR A 197 18.16 -16.88 10.14
CA THR A 197 18.88 -15.94 11.04
C THR A 197 20.24 -15.56 10.44
N ALA A 198 20.97 -16.54 9.90
CA ALA A 198 22.38 -16.39 9.47
C ALA A 198 22.52 -15.39 8.31
N SER A 199 21.48 -15.24 7.47
CA SER A 199 21.53 -14.42 6.23
C SER A 199 20.92 -13.03 6.46
N ARG A 200 20.34 -12.78 7.64
CA ARG A 200 19.63 -11.52 7.94
C ARG A 200 20.60 -10.35 7.97
N THR A 201 20.16 -9.18 7.48
CA THR A 201 20.86 -7.88 7.56
C THR A 201 20.45 -7.17 8.85
N LYS A 202 21.31 -6.30 9.36
CA LYS A 202 20.97 -5.40 10.50
C LYS A 202 21.03 -3.96 9.99
N VAL A 203 19.98 -3.17 10.23
CA VAL A 203 19.97 -1.75 9.85
C VAL A 203 20.82 -0.98 10.85
N SER A 204 21.32 0.17 10.42
CA SER A 204 21.92 1.22 11.28
CA SER A 204 21.90 1.21 11.30
C SER A 204 21.13 2.51 11.07
N ILE A 205 20.86 3.25 12.13
CA ILE A 205 20.08 4.51 12.06
C ILE A 205 20.90 5.59 12.77
N GLU A 206 21.33 6.62 12.06
CA GLU A 206 22.04 7.73 12.71
C GLU A 206 21.18 8.26 13.85
N GLY A 207 21.74 8.32 15.05
CA GLY A 207 21.07 8.96 16.20
C GLY A 207 20.28 7.97 17.02
N VAL A 208 19.90 6.81 16.45
CA VAL A 208 18.92 5.87 17.08
C VAL A 208 19.57 4.51 17.31
N THR A 209 19.78 4.15 18.59
CA THR A 209 20.31 2.83 19.01
C THR A 209 19.22 2.02 19.73
N ASN A 210 18.03 2.60 19.87
CA ASN A 210 16.90 1.97 20.60
C ASN A 210 16.66 0.56 20.06
N ALA A 211 16.73 -0.45 20.92
CA ALA A 211 16.68 -1.88 20.51
C ALA A 211 15.31 -2.20 19.92
N THR A 212 14.24 -1.60 20.45
CA THR A 212 12.87 -1.87 19.94
C THR A 212 12.79 -1.40 18.49
N VAL A 213 13.25 -0.19 18.21
CA VAL A 213 13.17 0.39 16.83
C VAL A 213 14.03 -0.46 15.87
N LEU A 214 15.26 -0.80 16.27
CA LEU A 214 16.16 -1.58 15.40
C LEU A 214 15.53 -2.96 15.17
N ASN A 215 14.97 -3.56 16.21
CA ASN A 215 14.35 -4.91 16.10
C ASN A 215 13.12 -4.84 15.19
N TRP A 216 12.33 -3.77 15.29
N TRP A 216 12.39 -3.74 15.24
CA TRP A 216 11.20 -3.48 14.36
CA TRP A 216 11.19 -3.52 14.40
C TRP A 216 11.72 -3.65 12.93
C TRP A 216 11.59 -3.52 12.92
N MET A 217 12.65 -2.77 12.56
CA MET A 217 13.15 -2.68 11.17
C MET A 217 13.68 -4.06 10.73
N ASP A 218 14.49 -4.69 11.56
CA ASP A 218 15.21 -5.93 11.20
C ASP A 218 14.20 -7.07 11.06
N ASN A 219 13.22 -7.18 11.96
CA ASN A 219 12.26 -8.30 11.91
C ASN A 219 11.34 -8.10 10.69
N LEU A 220 10.93 -6.88 10.37
CA LEU A 220 10.08 -6.66 9.17
CA LEU A 220 10.10 -6.63 9.17
C LEU A 220 10.89 -7.00 7.92
N ASN A 221 12.16 -6.62 7.87
CA ASN A 221 13.03 -6.92 6.69
C ASN A 221 13.21 -8.44 6.54
N ALA A 222 13.00 -9.21 7.61
CA ALA A 222 13.15 -10.68 7.61
C ALA A 222 11.79 -11.39 7.51
N ASN A 223 10.69 -10.65 7.41
CA ASN A 223 9.32 -11.23 7.36
C ASN A 223 9.06 -12.03 8.65
N ASP A 224 9.63 -11.59 9.77
CA ASP A 224 9.51 -12.35 11.05
C ASP A 224 8.39 -11.73 11.89
N PHE A 225 7.14 -11.96 11.50
CA PHE A 225 5.96 -11.25 12.05
C PHE A 225 5.71 -11.72 13.49
N ASP A 226 6.02 -12.97 13.80
CA ASP A 226 5.78 -13.49 15.18
C ASP A 226 6.74 -12.81 16.16
N THR A 227 7.97 -12.52 15.77
CA THR A 227 8.92 -11.78 16.62
C THR A 227 8.48 -10.32 16.71
N LEU A 228 8.09 -9.75 15.57
CA LEU A 228 7.67 -8.33 15.48
CA LEU A 228 7.63 -8.33 15.45
C LEU A 228 6.49 -8.07 16.44
N ILE A 229 5.51 -8.97 16.48
CA ILE A 229 4.26 -8.65 17.23
C ILE A 229 4.58 -8.61 18.73
N GLU A 230 5.62 -9.30 19.18
CA GLU A 230 5.97 -9.33 20.62
C GLU A 230 6.54 -7.97 21.07
N LEU A 231 6.87 -7.07 20.14
CA LEU A 231 7.38 -5.71 20.50
C LEU A 231 6.24 -4.81 20.98
N PHE A 232 4.98 -5.16 20.72
CA PHE A 232 3.81 -4.28 20.99
C PHE A 232 3.29 -4.50 22.41
N THR A 233 2.68 -3.45 22.97
CA THR A 233 1.78 -3.59 24.13
C THR A 233 0.49 -4.29 23.66
N SER A 234 -0.24 -4.91 24.57
CA SER A 234 -1.47 -5.67 24.23
C SER A 234 -2.45 -4.75 23.50
N ASP A 235 -2.50 -3.47 23.90
CA ASP A 235 -3.47 -2.44 23.41
C ASP A 235 -2.78 -1.51 22.40
N GLY A 236 -1.58 -1.88 21.94
CA GLY A 236 -0.79 -1.02 21.03
C GLY A 236 -1.36 -1.00 19.61
N ALA A 237 -0.94 -0.04 18.82
CA ALA A 237 -1.49 0.16 17.47
C ALA A 237 -0.39 0.49 16.46
N LEU A 238 -0.67 0.10 15.22
CA LEU A 238 0.14 0.44 14.03
C LEU A 238 -0.76 1.25 13.10
N GLN A 239 -0.27 2.42 12.67
CA GLN A 239 -1.00 3.28 11.74
C GLN A 239 -0.26 3.35 10.41
N PRO A 240 -0.76 2.61 9.38
CA PRO A 240 -0.18 2.71 8.04
C PRO A 240 -0.49 4.06 7.42
N PRO A 241 0.23 4.44 6.33
CA PRO A 241 0.01 5.73 5.72
C PRO A 241 -1.44 5.95 5.29
N PHE A 242 -2.04 7.03 5.79
CA PHE A 242 -3.39 7.52 5.42
C PHE A 242 -4.46 6.50 5.82
N GLN A 243 -4.18 5.68 6.83
CA GLN A 243 -5.20 4.74 7.36
C GLN A 243 -5.39 5.00 8.86
N ARG A 244 -6.49 4.56 9.43
CA ARG A 244 -6.69 4.67 10.89
C ARG A 244 -5.79 3.66 11.59
N PRO A 245 -5.49 3.88 12.88
CA PRO A 245 -4.72 2.92 13.64
C PRO A 245 -5.39 1.53 13.65
N ILE A 246 -4.53 0.52 13.52
CA ILE A 246 -4.91 -0.91 13.64
C ILE A 246 -4.54 -1.31 15.06
N VAL A 247 -5.54 -1.73 15.86
CA VAL A 247 -5.38 -1.78 17.35
C VAL A 247 -5.35 -3.22 17.84
N GLY A 248 -4.33 -3.53 18.64
CA GLY A 248 -4.20 -4.82 19.33
C GLY A 248 -3.41 -5.86 18.54
N LYS A 249 -2.83 -6.83 19.24
CA LYS A 249 -1.90 -7.79 18.60
C LYS A 249 -2.62 -8.59 17.52
N GLU A 250 -3.85 -9.05 17.75
CA GLU A 250 -4.54 -9.91 16.76
C GLU A 250 -4.65 -9.14 15.43
N ASN A 251 -5.12 -7.90 15.46
CA ASN A 251 -5.40 -7.13 14.22
C ASN A 251 -4.07 -6.73 13.57
N VAL A 252 -3.08 -6.38 14.37
CA VAL A 252 -1.76 -5.95 13.82
C VAL A 252 -1.07 -7.15 13.17
N LEU A 253 -1.10 -8.32 13.83
CA LEU A 253 -0.44 -9.52 13.27
C LEU A 253 -1.13 -9.90 11.96
N ARG A 254 -2.45 -9.82 11.89
CA ARG A 254 -3.21 -10.13 10.65
C ARG A 254 -2.74 -9.19 9.53
N PHE A 255 -2.59 -7.91 9.85
CA PHE A 255 -2.13 -6.89 8.86
C PHE A 255 -0.74 -7.26 8.37
N PHE A 256 0.17 -7.61 9.28
CA PHE A 256 1.55 -8.00 8.90
C PHE A 256 1.48 -9.16 7.90
N ARG A 257 0.75 -10.22 8.25
CA ARG A 257 0.74 -11.48 7.47
C ARG A 257 0.09 -11.28 6.10
N GLU A 258 -0.94 -10.43 6.02
CA GLU A 258 -1.74 -10.23 4.79
C GLU A 258 -1.08 -9.19 3.87
N GLU A 259 -0.42 -8.18 4.40
CA GLU A 259 -0.10 -6.95 3.62
C GLU A 259 1.38 -6.57 3.68
N CYS A 260 2.18 -7.14 4.57
CA CYS A 260 3.53 -6.61 4.88
C CYS A 260 4.66 -7.59 4.53
N GLN A 261 4.45 -8.51 3.58
CA GLN A 261 5.54 -9.44 3.16
C GLN A 261 6.46 -8.77 2.14
N ASN A 262 7.77 -9.02 2.29
CA ASN A 262 8.81 -8.77 1.26
C ASN A 262 9.06 -7.28 1.10
N LEU A 263 8.80 -6.46 2.12
CA LEU A 263 9.20 -5.04 2.10
C LEU A 263 10.71 -4.94 2.34
N LYS A 264 11.28 -3.82 1.91
CA LYS A 264 12.66 -3.47 2.27
C LYS A 264 12.63 -2.09 2.91
N LEU A 265 12.89 -2.06 4.22
CA LEU A 265 12.96 -0.81 5.01
C LEU A 265 14.41 -0.35 5.04
N ILE A 266 14.65 0.90 4.65
CA ILE A 266 16.00 1.50 4.59
C ILE A 266 15.96 2.79 5.39
N PRO A 267 15.88 2.68 6.73
CA PRO A 267 15.89 3.86 7.60
C PRO A 267 17.27 4.51 7.53
N GLU A 268 17.31 5.83 7.70
CA GLU A 268 18.56 6.61 7.53
C GLU A 268 18.96 7.25 8.85
N ARG A 269 18.07 8.03 9.45
CA ARG A 269 18.43 8.88 10.60
C ARG A 269 17.20 9.12 11.47
N GLY A 270 17.43 9.47 12.73
CA GLY A 270 16.29 9.70 13.62
C GLY A 270 16.65 10.57 14.79
N VAL A 271 15.67 10.69 15.67
CA VAL A 271 15.76 11.55 16.87
C VAL A 271 14.97 10.86 17.99
N THR A 272 15.51 10.92 19.20
CA THR A 272 15.01 10.21 20.39
C THR A 272 14.67 11.23 21.48
N GLU A 273 13.44 11.26 21.96
CA GLU A 273 12.99 12.25 22.98
C GLU A 273 12.19 11.59 24.12
N PRO A 274 12.22 12.10 25.36
CA PRO A 274 11.27 11.55 26.33
C PRO A 274 9.81 11.94 26.01
N ALA A 275 8.85 11.13 26.47
CA ALA A 275 7.42 11.47 26.45
C ALA A 275 6.88 11.35 27.88
N GLU A 276 5.61 11.68 28.11
CA GLU A 276 5.07 11.67 29.49
C GLU A 276 5.20 10.26 30.09
N ASP A 277 5.57 10.17 31.37
CA ASP A 277 5.52 8.95 32.23
C ASP A 277 6.59 7.91 31.88
N GLY A 278 7.84 8.31 31.60
CA GLY A 278 8.91 7.36 31.25
C GLY A 278 8.76 6.81 29.84
N PHE A 279 7.76 7.31 29.12
CA PHE A 279 7.59 6.97 27.66
C PHE A 279 8.70 7.65 26.85
N THR A 280 8.94 7.15 25.64
CA THR A 280 9.96 7.70 24.71
C THR A 280 9.28 7.88 23.35
N GLN A 281 9.43 9.04 22.72
CA GLN A 281 9.01 9.22 21.33
C GLN A 281 10.24 9.26 20.43
N ILE A 282 10.19 8.52 19.34
CA ILE A 282 11.30 8.40 18.37
C ILE A 282 10.75 8.63 16.96
N LYS A 283 11.41 9.48 16.19
CA LYS A 283 11.07 9.70 14.77
C LYS A 283 12.27 9.24 13.94
N VAL A 284 12.00 8.42 12.93
CA VAL A 284 13.04 7.96 11.98
C VAL A 284 12.57 8.37 10.58
N THR A 285 13.49 8.76 9.73
CA THR A 285 13.17 8.99 8.30
C THR A 285 14.07 8.09 7.45
N GLY A 286 13.57 7.73 6.28
CA GLY A 286 14.36 6.96 5.32
C GLY A 286 13.47 6.57 4.16
N LYS A 287 13.77 5.41 3.57
CA LYS A 287 13.08 4.97 2.35
C LYS A 287 12.52 3.57 2.60
N VAL A 288 11.46 3.26 1.86
CA VAL A 288 10.91 1.88 1.82
C VAL A 288 10.72 1.49 0.35
N GLN A 289 11.03 0.24 0.05
CA GLN A 289 10.76 -0.38 -1.26
C GLN A 289 9.65 -1.41 -1.11
N THR A 290 8.68 -1.38 -2.03
CA THR A 290 7.66 -2.43 -2.18
C THR A 290 8.20 -3.45 -3.17
N PRO A 291 7.92 -4.76 -2.95
CA PRO A 291 8.37 -5.79 -3.89
C PRO A 291 7.75 -5.64 -5.29
N TRP A 292 6.69 -4.84 -5.42
CA TRP A 292 6.07 -4.55 -6.74
C TRP A 292 7.03 -3.76 -7.63
N PHE A 293 7.94 -2.97 -7.07
CA PHE A 293 8.83 -2.08 -7.86
C PHE A 293 10.31 -2.24 -7.47
N GLY A 294 10.62 -2.90 -6.36
CA GLY A 294 12.02 -3.06 -5.94
C GLY A 294 12.74 -1.74 -5.82
N GLY A 295 14.01 -1.68 -6.24
CA GLY A 295 14.85 -0.48 -6.09
C GLY A 295 14.43 0.64 -7.03
N ASN A 296 13.48 0.40 -7.92
CA ASN A 296 13.05 1.38 -8.97
C ASN A 296 12.18 2.49 -8.36
N VAL A 297 11.56 2.27 -7.19
CA VAL A 297 10.77 3.31 -6.47
C VAL A 297 11.17 3.28 -4.99
N GLY A 298 11.78 4.36 -4.52
CA GLY A 298 12.08 4.53 -3.09
C GLY A 298 11.10 5.51 -2.50
N MET A 299 10.18 5.02 -1.68
CA MET A 299 9.18 5.90 -1.02
C MET A 299 9.86 6.58 0.17
N ASN A 300 9.67 7.88 0.27
CA ASN A 300 10.14 8.68 1.43
C ASN A 300 9.19 8.49 2.61
N ILE A 301 9.71 7.94 3.69
CA ILE A 301 8.89 7.48 4.85
C ILE A 301 9.41 8.08 6.14
N ALA A 302 8.49 8.40 7.06
CA ALA A 302 8.81 8.60 8.48
C ALA A 302 8.15 7.47 9.28
N TRP A 303 8.84 7.04 10.33
CA TRP A 303 8.28 6.20 11.39
C TRP A 303 8.20 7.07 12.65
N ARG A 304 7.05 7.08 13.31
CA ARG A 304 6.87 7.78 14.61
C ARG A 304 6.50 6.74 15.65
N PHE A 305 7.40 6.50 16.59
CA PHE A 305 7.21 5.50 17.67
C PHE A 305 6.90 6.19 19.00
N LEU A 306 5.93 5.64 19.74
CA LEU A 306 5.72 5.98 21.17
C LEU A 306 5.93 4.69 21.97
N LEU A 307 7.02 4.62 22.72
CA LEU A 307 7.43 3.42 23.49
C LEU A 307 7.09 3.63 24.95
N ASN A 308 6.57 2.59 25.61
CA ASN A 308 6.31 2.64 27.06
C ASN A 308 7.64 2.50 27.82
N PRO A 309 7.64 2.67 29.16
CA PRO A 309 8.88 2.62 29.94
C PRO A 309 9.69 1.34 29.78
N GLU A 310 9.03 0.22 29.45
CA GLU A 310 9.66 -1.11 29.26
C GLU A 310 10.19 -1.25 27.82
N GLY A 311 9.91 -0.28 26.95
CA GLY A 311 10.39 -0.28 25.56
C GLY A 311 9.42 -0.97 24.61
N LYS A 312 8.20 -1.25 25.05
CA LYS A 312 7.17 -1.85 24.17
C LYS A 312 6.50 -0.75 23.35
N ILE A 313 6.07 -1.11 22.14
CA ILE A 313 5.43 -0.15 21.21
C ILE A 313 3.96 0.00 21.62
N PHE A 314 3.60 1.17 22.14
CA PHE A 314 2.19 1.58 22.34
C PHE A 314 1.61 2.07 21.01
N PHE A 315 2.40 2.82 20.25
CA PHE A 315 1.93 3.39 18.97
C PHE A 315 3.10 3.49 18.01
N VAL A 316 2.88 3.06 16.77
CA VAL A 316 3.83 3.36 15.67
C VAL A 316 3.04 3.81 14.45
N ALA A 317 3.39 4.98 13.90
CA ALA A 317 2.79 5.50 12.66
C ALA A 317 3.87 5.44 11.58
N ILE A 318 3.43 5.08 10.38
CA ILE A 318 4.28 5.14 9.16
C ILE A 318 3.64 6.18 8.24
N ASP A 319 4.41 7.20 7.88
CA ASP A 319 3.91 8.34 7.09
C ASP A 319 4.63 8.36 5.74
N LEU A 320 3.87 8.55 4.67
CA LEU A 320 4.46 8.87 3.36
C LEU A 320 4.73 10.39 3.36
N LEU A 321 5.98 10.77 3.19
CA LEU A 321 6.39 12.20 3.32
C LEU A 321 6.09 13.00 2.05
N ALA A 322 5.77 14.28 2.23
CA ALA A 322 5.35 15.19 1.13
C ALA A 322 6.44 15.27 0.05
N SER A 323 7.71 15.18 0.44
CA SER A 323 8.85 15.32 -0.49
C SER A 323 10.10 14.88 0.22
N PRO A 324 11.22 14.71 -0.52
CA PRO A 324 12.51 14.37 0.10
C PRO A 324 12.95 15.48 1.06
N LYS A 325 12.41 16.69 0.90
CA LYS A 325 12.76 17.87 1.74
C LYS A 325 12.28 17.65 3.17
N GLU A 326 11.44 16.63 3.39
CA GLU A 326 10.86 16.29 4.72
C GLU A 326 11.72 15.22 5.41
N LEU A 327 12.74 14.67 4.72
CA LEU A 327 13.71 13.75 5.38
C LEU A 327 14.53 14.56 6.38
N LEU A 328 14.83 13.98 7.54
CA LEU A 328 15.60 14.69 8.60
C LEU A 328 16.95 15.15 8.04
N ASN B . 17.16 16.64 8.09
CA ASN B . 18.50 17.12 7.69
C ASN B . 18.79 16.66 6.26
O ASN B . 19.97 16.53 5.93
CB ASN B . 19.54 16.68 8.71
CG ASN B . 19.34 17.42 10.02
OD1 ASN B . 19.32 18.63 10.02
ND2 ASN B . 19.13 16.71 11.13
C1 ECH C . -5.60 -1.15 -15.58
C2 ECH C . -6.68 -0.23 -16.12
C3 ECH C . -8.01 -0.38 -15.46
C4 ECH C . -7.93 -0.26 -13.93
C5 ECH C . -6.68 -0.82 -13.32
C6 ECH C . -5.61 -1.20 -14.06
C7 ECH C . -4.39 -1.72 -13.48
C8 ECH C . -3.67 -1.21 -12.46
C9 ECH C . -2.53 -1.76 -11.88
C10 ECH C . -1.81 -1.09 -10.89
C11 ECH C . -0.76 -1.51 -10.09
C12 ECH C . -0.21 -0.86 -9.01
C13 ECH C . 0.74 -1.31 -8.07
C14 ECH C . 1.07 -0.54 -6.96
C15 ECH C . 1.78 -0.88 -5.84
C16 ECH C . 2.05 -0.07 -4.72
C17 ECH C . 2.61 -0.42 -3.51
C18 ECH C . 2.84 0.39 -2.40
C19 ECH C . 3.39 -0.10 -1.22
C20 ECH C . 3.72 0.59 -0.08
C21 ECH C . 4.11 0.04 1.13
C22 ECH C . 4.49 0.70 2.31
C23 ECH C . 4.65 -0.03 3.49
C24 ECH C . 5.09 0.46 4.65
C25 ECH C . 5.10 -0.17 5.93
C26 ECH C . 6.23 0.02 6.68
C27 ECH C . 6.29 -0.43 8.08
O27 ECH C . 7.28 -0.15 8.85
C28 ECH C . 5.14 -1.20 8.67
C29 ECH C . 4.21 -1.81 7.63
C30 ECH C . 3.86 -0.82 6.52
C31 ECH C . -4.24 -0.65 -16.09
C32 ECH C . -5.79 -2.57 -16.16
C33 ECH C . -6.77 -0.89 -11.81
C34 ECH C . -2.03 -3.09 -12.33
C35 ECH C . 1.37 -2.66 -8.25
C36 ECH C . 2.48 1.85 -2.47
C37 ECH C . 4.67 2.16 2.25
C38 ECH C . 7.47 0.72 6.18
C39 ECH C . 2.97 0.28 7.04
C40 ECH C . 3.09 -1.61 5.47
CL CL D . 3.71 -4.14 -0.95
C1 GOL E . 4.83 -8.51 -5.61
O1 GOL E . 5.73 -9.06 -4.64
C2 GOL E . 3.85 -9.54 -6.11
O2 GOL E . 4.56 -10.61 -6.74
C3 GOL E . 2.96 -10.09 -5.00
O3 GOL E . 1.96 -10.98 -5.51
N HIS F . 0.18 -18.10 17.05
CA HIS F . 1.42 -17.29 17.40
C HIS F . 2.40 -18.08 18.29
O HIS F . 2.14 -18.76 19.35
CB HIS F . 1.01 -15.96 18.02
CG HIS F . 2.18 -15.22 18.59
ND1 HIS F . 3.24 -14.83 17.79
CD2 HIS F . 2.48 -14.83 19.84
CE1 HIS F . 4.14 -14.23 18.54
NE2 HIS F . 3.69 -14.21 19.80
#